data_454D
#
_entry.id   454D
#
_cell.length_a   94.740
_cell.length_b   23.980
_cell.length_c   96.520
_cell.angle_alpha   90.00
_cell.angle_beta   93.24
_cell.angle_gamma   90.00
#
_symmetry.space_group_name_H-M   'C 1 2 1'
#
loop_
_entity.id
_entity.type
_entity.pdbx_description
1 polymer "5'-D(*GP*(5IU)P*TP*GP*CP*AP*AP*C)-3'"
2 non-polymer 'DELTA-ALPHA-RH[2R,9R-DIAMINO-4,7-DIAZADECANE]9,10-PHENANTHRENEQUINONE DIIMINE'
3 water water
#
_entity_poly.entity_id   1
_entity_poly.type   'polydeoxyribonucleotide'
_entity_poly.pdbx_seq_one_letter_code
;(DG)(5IU)(DT)(DG)(DC)(DA)(DA)(DC)
;
_entity_poly.pdbx_strand_id   A,B,C,D,E,F,G,H,I,J
#